data_2ZQD
#
_entry.id   2ZQD
#
_cell.length_a   72.413
_cell.length_b   72.413
_cell.length_c   97.665
_cell.angle_alpha   90.00
_cell.angle_beta   90.00
_cell.angle_gamma   120.00
#
_symmetry.space_group_name_H-M   'P 32 2 1'
#
loop_
_entity.id
_entity.type
_entity.pdbx_description
1 polymer 'Beta-lactamase Toho-1'
2 non-polymer 'SULFATE ION'
3 non-polymer 'ACYLATED CEFTAZIDIME'
4 water water
#
_entity_poly.entity_id   1
_entity_poly.type   'polypeptide(L)'
_entity_poly.pdbx_seq_one_letter_code
;ANSVQQQLEALEKSSGGRLGVALINTADNSQILYRADERFAMCSTSKVMAAAAVLKQSESDKHLLNQRVEIKKSDLVNYN
PIAEKHVNGTMTLAELGAAALQYSDNTAMNKLIAHLGGPDKVTAFARSLGDETFRLDRTAPTLNTAIPGDPRDTTTPLAM
AQTLKNLTLGKALAETQRAQLVTWLKGNTTGSASIRAGLPKSWVVGDKTGSGDYGTTNDIAVIWPENHAPLVLVTYFTQP
EQKAENRNDILAAAAKIVTHGF
;
_entity_poly.pdbx_strand_id   A
#
# COMPACT_ATOMS: atom_id res chain seq x y z
N ASN A 2 4.31 9.46 26.85
N ASN A 2 3.56 10.07 27.46
CA ASN A 2 3.52 8.21 27.04
CA ASN A 2 2.72 9.40 26.42
C ASN A 2 3.92 7.13 26.02
C ASN A 2 3.49 8.28 25.71
N SER A 3 3.30 5.97 26.11
N SER A 3 2.98 7.07 25.83
CA SER A 3 3.68 4.85 25.26
CA SER A 3 3.54 5.94 25.11
C SER A 3 3.26 5.07 23.81
C SER A 3 3.25 6.08 23.62
N VAL A 4 3.87 4.31 22.91
N VAL A 4 3.87 5.24 22.80
CA VAL A 4 3.52 4.35 21.49
CA VAL A 4 3.54 5.22 21.38
C VAL A 4 2.03 4.06 21.31
C VAL A 4 2.05 4.94 21.20
N GLN A 5 1.52 3.05 22.03
N GLN A 5 1.53 3.98 21.96
CA GLN A 5 0.11 2.69 21.92
CA GLN A 5 0.10 3.65 21.91
C GLN A 5 -0.79 3.84 22.34
C GLN A 5 -0.80 4.83 22.29
N GLN A 6 -0.43 4.49 23.45
N GLN A 6 -0.45 5.51 23.38
CA GLN A 6 -1.20 5.63 23.91
CA GLN A 6 -1.25 6.66 23.80
C GLN A 6 -1.16 6.74 22.89
C GLN A 6 -1.24 7.75 22.72
N GLN A 7 0.00 6.94 22.27
N GLN A 7 -0.10 7.92 22.08
CA GLN A 7 0.12 7.98 21.26
CA GLN A 7 0.08 8.95 21.06
C GLN A 7 -0.73 7.69 20.03
C GLN A 7 -0.76 8.64 19.83
N LEU A 8 -0.76 6.43 19.59
N LEU A 8 -0.81 7.36 19.47
CA LEU A 8 -1.61 6.07 18.46
CA LEU A 8 -1.62 6.95 18.33
C LEU A 8 -3.09 6.20 18.78
C LEU A 8 -3.09 7.11 18.69
N GLU A 9 -3.49 5.76 19.97
N GLU A 9 -3.44 6.78 19.92
CA GLU A 9 -4.89 5.89 20.35
CA GLU A 9 -4.83 6.93 20.36
C GLU A 9 -5.29 7.37 20.38
C GLU A 9 -5.24 8.40 20.31
N ALA A 10 -4.39 8.23 20.87
N ALA A 10 -4.36 9.27 20.76
CA ALA A 10 -4.68 9.65 20.94
CA ALA A 10 -4.66 10.69 20.75
C ALA A 10 -4.77 10.24 19.56
C ALA A 10 -4.81 11.20 19.32
N LEU A 11 -3.87 9.82 18.66
N LEU A 11 -3.88 10.79 18.46
CA LEU A 11 -3.96 10.25 17.28
CA LEU A 11 -3.91 11.20 17.05
C LEU A 11 -5.32 9.88 16.69
C LEU A 11 -5.23 10.81 16.42
N GLU A 12 -5.72 8.63 16.86
N GLU A 12 -5.64 9.57 16.63
CA GLU A 12 -7.03 8.24 16.35
CA GLU A 12 -6.89 9.10 16.08
C GLU A 12 -8.16 9.07 16.96
C GLU A 12 -8.06 9.91 16.63
N LYS A 13 -8.11 9.30 18.27
N LYS A 13 -8.02 10.16 17.93
CA LYS A 13 -9.17 10.06 18.95
CA LYS A 13 -9.10 10.82 18.63
C LYS A 13 -9.31 11.48 18.37
C LYS A 13 -9.51 12.10 17.90
N SER A 14 -8.19 12.08 17.95
N SER A 14 -8.60 13.04 17.74
CA SER A 14 -8.17 13.43 17.40
CA SER A 14 -9.11 14.27 17.14
C SER A 14 -8.59 13.44 15.94
C SER A 14 -9.07 14.27 15.59
N SER A 15 -8.51 12.27 15.30
N SER A 15 -8.60 13.17 15.00
CA SER A 15 -8.56 12.17 13.83
CA SER A 15 -8.50 13.03 13.54
C SER A 15 -9.96 12.31 13.21
C SER A 15 -9.83 13.00 12.83
N GLY A 16 -10.99 12.02 13.99
N GLY A 16 -10.89 12.53 13.49
CA GLY A 16 -12.35 11.91 13.45
CA GLY A 16 -12.17 12.29 12.81
C GLY A 16 -12.54 10.72 12.52
C GLY A 16 -12.26 10.99 12.00
N GLY A 17 -11.73 9.68 12.70
N GLY A 17 -11.38 10.03 12.27
CA GLY A 17 -11.88 8.49 11.90
CA GLY A 17 -11.43 8.74 11.57
C GLY A 17 -11.32 7.28 12.56
C GLY A 17 -10.91 7.56 12.39
N ARG A 18 -10.84 6.39 11.70
CA ARG A 18 -10.36 5.10 12.17
C ARG A 18 -8.98 4.86 11.57
N LEU A 19 -8.00 4.65 12.45
CA LEU A 19 -6.60 4.51 12.08
C LEU A 19 -6.15 3.07 12.25
N GLY A 20 -5.42 2.55 11.26
CA GLY A 20 -4.85 1.22 11.34
C GLY A 20 -3.37 1.31 11.05
N VAL A 21 -2.56 0.78 11.96
CA VAL A 21 -1.11 0.83 11.82
C VAL A 21 -0.53 -0.54 12.06
N ALA A 22 0.38 -0.96 11.20
CA ALA A 22 1.25 -2.09 11.53
C ALA A 22 2.68 -1.75 11.11
N LEU A 23 3.58 -1.72 12.10
CA LEU A 23 5.00 -1.59 11.81
CA LEU A 23 5.01 -1.55 11.88
C LEU A 23 5.69 -2.89 12.22
N ILE A 24 6.51 -3.40 11.30
CA ILE A 24 7.37 -4.54 11.57
C ILE A 24 8.80 -4.02 11.56
N ASN A 25 9.50 -4.19 12.68
CA ASN A 25 10.91 -3.85 12.76
CA ASN A 25 10.90 -3.86 12.79
C ASN A 25 11.70 -5.10 12.46
N THR A 26 12.36 -5.13 11.31
CA THR A 26 13.04 -6.35 10.91
C THR A 26 14.36 -6.58 11.69
N ALA A 27 14.76 -5.65 12.54
CA ALA A 27 15.94 -5.89 13.41
C ALA A 27 15.69 -7.11 14.32
N ASP A 28 14.46 -7.18 14.84
CA ASP A 28 14.13 -8.20 15.85
C ASP A 28 12.73 -8.80 15.64
N ASN A 29 12.11 -8.46 14.52
CA ASN A 29 10.80 -8.99 14.19
C ASN A 29 9.70 -8.47 15.15
N SER A 30 10.03 -7.44 15.93
CA SER A 30 9.05 -6.80 16.80
C SER A 30 8.05 -5.98 15.98
N GLN A 31 6.90 -5.69 16.60
CA GLN A 31 5.80 -5.05 15.90
C GLN A 31 5.17 -3.96 16.74
N ILE A 32 4.70 -2.92 16.06
CA ILE A 32 3.84 -1.91 16.69
C ILE A 32 2.51 -1.98 15.95
N LEU A 33 1.46 -2.48 16.63
N LEU A 33 1.45 -2.14 16.71
CA LEU A 33 0.14 -2.84 16.03
CA LEU A 33 0.16 -2.34 16.13
C LEU A 33 -1.04 -2.04 16.58
C LEU A 33 -0.85 -1.37 16.71
N TYR A 34 -1.88 -1.51 15.70
N TYR A 34 -1.70 -0.85 15.84
CA TYR A 34 -3.06 -0.75 16.10
CA TYR A 34 -2.83 -0.07 16.27
C TYR A 34 -4.21 -1.08 15.14
C TYR A 34 -3.97 -0.40 15.33
N ARG A 35 -5.26 -1.72 15.64
N ARG A 35 -5.03 -1.02 15.85
CA ARG A 35 -6.36 -2.22 14.81
CA ARG A 35 -6.12 -1.52 15.01
C ARG A 35 -5.80 -3.04 13.65
C ARG A 35 -5.59 -2.37 13.85
N ALA A 36 -4.73 -3.78 13.91
N ALA A 36 -4.51 -3.11 14.10
CA ALA A 36 -4.01 -4.42 12.82
CA ALA A 36 -3.78 -3.77 13.04
C ALA A 36 -4.69 -5.66 12.26
C ALA A 36 -4.46 -5.03 12.49
N ASP A 37 -5.70 -6.16 12.96
N ASP A 37 -5.46 -5.52 13.22
CA ASP A 37 -6.47 -7.31 12.45
CA ASP A 37 -6.25 -6.66 12.77
C ASP A 37 -7.83 -6.89 11.94
C ASP A 37 -7.67 -6.27 12.27
N GLU A 38 -8.05 -5.58 11.86
N GLU A 38 -7.90 -4.98 12.04
CA GLU A 38 -9.29 -5.06 11.32
CA GLU A 38 -9.19 -4.51 11.46
C GLU A 38 -9.09 -4.77 9.86
C GLU A 38 -9.14 -4.44 9.90
N ARG A 39 -10.19 -4.89 9.17
CA ARG A 39 -10.22 -4.69 7.73
C ARG A 39 -10.38 -3.22 7.37
N PHE A 40 -9.65 -2.82 6.34
CA PHE A 40 -9.76 -1.51 5.71
C PHE A 40 -9.75 -1.71 4.22
N ALA A 41 -10.46 -0.84 3.51
CA ALA A 41 -10.34 -0.79 2.05
C ALA A 41 -8.92 -0.40 1.66
N MET A 42 -8.29 -1.21 0.81
CA MET A 42 -6.92 -0.96 0.37
C MET A 42 -6.78 0.23 -0.56
N CYS A 43 -7.85 0.49 -1.32
CA CYS A 43 -7.78 1.44 -2.42
C CYS A 43 -6.56 1.09 -3.29
N SER A 44 -5.85 2.09 -3.77
CA SER A 44 -4.78 1.82 -4.74
C SER A 44 -3.56 1.15 -4.14
N THR A 45 -3.51 0.94 -2.82
CA THR A 45 -2.40 0.13 -2.30
C THR A 45 -2.46 -1.30 -2.81
N SER A 46 -3.63 -1.75 -3.27
CA SER A 46 -3.77 -3.09 -3.86
C SER A 46 -2.96 -3.25 -5.14
N LYS A 47 -2.52 -2.15 -5.75
CA LYS A 47 -1.75 -2.25 -7.00
C LYS A 47 -0.42 -2.98 -6.79
N VAL A 48 0.13 -2.92 -5.57
CA VAL A 48 1.36 -3.65 -5.31
C VAL A 48 1.15 -5.14 -5.55
N MET A 49 0.02 -5.68 -5.11
CA MET A 49 -0.24 -7.09 -5.26
C MET A 49 -0.41 -7.47 -6.74
N ALA A 50 -1.09 -6.64 -7.52
CA ALA A 50 -1.27 -6.93 -8.95
C ALA A 50 0.07 -6.88 -9.70
N ALA A 51 0.87 -5.85 -9.43
CA ALA A 51 2.17 -5.75 -10.08
C ALA A 51 3.06 -6.95 -9.69
N ALA A 52 3.04 -7.30 -8.41
CA ALA A 52 3.84 -8.44 -7.93
C ALA A 52 3.39 -9.76 -8.55
N ALA A 53 2.08 -9.91 -8.80
CA ALA A 53 1.59 -11.14 -9.43
C ALA A 53 2.14 -11.28 -10.83
N VAL A 54 2.24 -10.16 -11.55
CA VAL A 54 2.84 -10.18 -12.89
C VAL A 54 4.33 -10.47 -12.80
N LEU A 55 5.01 -9.86 -11.81
CA LEU A 55 6.43 -10.18 -11.61
C LEU A 55 6.61 -11.68 -11.35
N LYS A 56 5.75 -12.28 -10.53
CA LYS A 56 5.85 -13.71 -10.28
C LYS A 56 5.76 -14.50 -11.60
N GLN A 57 4.78 -14.17 -12.44
CA GLN A 57 4.65 -14.84 -13.74
C GLN A 57 5.93 -14.69 -14.56
N SER A 58 6.56 -13.51 -14.48
CA SER A 58 7.74 -13.26 -15.29
C SER A 58 8.94 -14.10 -14.92
N GLU A 59 8.93 -14.68 -13.71
N GLU A 59 8.94 -14.71 -13.75
CA GLU A 59 9.98 -15.61 -13.28
CA GLU A 59 10.03 -15.60 -13.35
C GLU A 59 10.13 -16.72 -14.31
C GLU A 59 10.08 -16.89 -14.15
N SER A 60 8.99 -17.20 -14.84
CA SER A 60 8.95 -18.39 -15.70
C SER A 60 8.62 -18.05 -17.14
N ASP A 61 8.66 -16.78 -17.50
CA ASP A 61 8.44 -16.34 -18.86
C ASP A 61 9.32 -15.13 -19.13
N LYS A 62 10.46 -15.36 -19.76
CA LYS A 62 11.48 -14.32 -19.91
C LYS A 62 11.09 -13.19 -20.88
N HIS A 63 9.99 -13.39 -21.61
CA HIS A 63 9.49 -12.36 -22.54
C HIS A 63 8.32 -11.55 -21.98
N LEU A 64 7.86 -11.91 -20.79
CA LEU A 64 6.65 -11.30 -20.29
C LEU A 64 6.74 -9.79 -20.05
N LEU A 65 7.79 -9.34 -19.37
CA LEU A 65 7.82 -7.93 -18.98
C LEU A 65 7.89 -7.01 -20.19
N ASN A 66 8.45 -7.50 -21.30
CA ASN A 66 8.50 -6.72 -22.53
C ASN A 66 7.32 -6.95 -23.46
N GLN A 67 6.35 -7.74 -23.02
CA GLN A 67 5.16 -7.98 -23.82
C GLN A 67 4.36 -6.68 -24.04
N ARG A 68 4.04 -6.36 -25.30
CA ARG A 68 3.23 -5.20 -25.66
C ARG A 68 1.79 -5.35 -25.25
N VAL A 69 1.22 -4.26 -24.74
CA VAL A 69 -0.19 -4.20 -24.44
C VAL A 69 -0.75 -2.97 -25.13
N GLU A 70 -1.79 -3.17 -25.96
CA GLU A 70 -2.41 -2.07 -26.69
CA GLU A 70 -2.40 -2.07 -26.69
C GLU A 70 -3.22 -1.21 -25.75
N ILE A 71 -3.05 0.10 -25.84
CA ILE A 71 -3.81 1.06 -25.03
C ILE A 71 -4.80 1.77 -25.94
N LYS A 72 -6.08 1.67 -25.59
CA LYS A 72 -7.16 2.27 -26.39
C LYS A 72 -7.85 3.36 -25.56
N LYS A 73 -8.50 4.30 -26.26
CA LYS A 73 -9.26 5.34 -25.60
C LYS A 73 -10.26 4.77 -24.58
N SER A 74 -10.91 3.67 -24.95
CA SER A 74 -11.89 3.02 -24.06
C SER A 74 -11.30 2.47 -22.77
N ASP A 75 -9.97 2.34 -22.70
CA ASP A 75 -9.31 1.87 -21.48
C ASP A 75 -9.18 2.97 -20.42
N LEU A 76 -9.29 4.23 -20.82
CA LEU A 76 -9.11 5.31 -19.88
C LEU A 76 -10.25 5.33 -18.89
N VAL A 77 -9.92 5.62 -17.63
CA VAL A 77 -10.90 5.69 -16.56
C VAL A 77 -10.81 7.06 -15.88
N ASN A 78 -10.83 7.13 -14.55
CA ASN A 78 -10.89 8.40 -13.85
C ASN A 78 -9.55 9.08 -13.64
N TYR A 79 -8.45 8.33 -13.74
CA TYR A 79 -7.11 8.88 -13.40
C TYR A 79 -6.09 7.99 -14.10
N ASN A 80 -5.42 8.53 -15.11
CA ASN A 80 -4.56 7.72 -15.96
C ASN A 80 -3.54 8.60 -16.67
N PRO A 81 -2.71 9.29 -15.89
CA PRO A 81 -1.81 10.28 -16.49
C PRO A 81 -0.75 9.68 -17.40
N ILE A 82 -0.40 8.42 -17.20
CA ILE A 82 0.59 7.79 -18.06
C ILE A 82 -0.06 7.11 -19.25
N ALA A 83 -1.08 6.29 -19.00
CA ALA A 83 -1.74 5.59 -20.09
C ALA A 83 -2.30 6.55 -21.13
N GLU A 84 -2.76 7.72 -20.72
CA GLU A 84 -3.36 8.59 -21.72
C GLU A 84 -2.34 9.08 -22.75
N LYS A 85 -1.06 9.07 -22.39
CA LYS A 85 0.02 9.46 -23.30
C LYS A 85 0.22 8.42 -24.38
N HIS A 86 -0.34 7.22 -24.18
CA HIS A 86 -0.01 6.08 -25.02
C HIS A 86 -1.21 5.52 -25.76
N VAL A 87 -2.33 6.23 -25.72
CA VAL A 87 -3.51 5.82 -26.46
C VAL A 87 -3.16 5.70 -27.93
N ASN A 88 -3.62 4.61 -28.53
CA ASN A 88 -3.35 4.22 -29.92
C ASN A 88 -1.99 3.57 -30.13
N GLY A 89 -1.17 3.54 -29.07
CA GLY A 89 0.11 2.85 -29.07
C GLY A 89 0.11 1.70 -28.09
N THR A 90 1.30 1.25 -27.71
CA THR A 90 1.44 0.16 -26.75
C THR A 90 2.28 0.61 -25.59
N MET A 91 2.11 -0.12 -24.47
CA MET A 91 3.01 -0.06 -23.32
C MET A 91 3.38 -1.50 -23.00
N THR A 92 4.59 -1.74 -22.51
CA THR A 92 4.93 -3.09 -22.09
C THR A 92 4.30 -3.38 -20.70
N LEU A 93 4.22 -4.65 -20.34
CA LEU A 93 3.78 -4.99 -19.00
C LEU A 93 4.68 -4.35 -17.94
N ALA A 94 6.00 -4.30 -18.16
CA ALA A 94 6.86 -3.59 -17.21
C ALA A 94 6.48 -2.11 -17.10
N GLU A 95 6.23 -1.46 -18.23
CA GLU A 95 5.84 -0.04 -18.20
C GLU A 95 4.51 0.12 -17.48
N LEU A 96 3.60 -0.84 -17.62
CA LEU A 96 2.32 -0.77 -16.90
C LEU A 96 2.52 -0.97 -15.40
N GLY A 97 3.41 -1.88 -15.02
CA GLY A 97 3.77 -2.02 -13.60
C GLY A 97 4.30 -0.70 -13.05
N ALA A 98 5.24 -0.08 -13.78
CA ALA A 98 5.84 1.18 -13.33
C ALA A 98 4.78 2.28 -13.20
N ALA A 99 3.90 2.37 -14.19
CA ALA A 99 2.88 3.42 -14.17
C ALA A 99 1.89 3.22 -13.04
N ALA A 100 1.45 1.97 -12.86
CA ALA A 100 0.53 1.65 -11.77
C ALA A 100 1.14 2.03 -10.43
N LEU A 101 2.40 1.63 -10.21
CA LEU A 101 3.01 1.83 -8.90
C LEU A 101 3.50 3.24 -8.67
N GLN A 102 4.10 3.87 -9.67
CA GLN A 102 4.81 5.13 -9.43
C GLN A 102 3.94 6.34 -9.63
N TYR A 103 2.84 6.20 -10.40
CA TYR A 103 1.91 7.29 -10.66
C TYR A 103 0.48 6.94 -10.22
N SER A 104 0.24 5.71 -9.77
CA SER A 104 -1.11 5.23 -9.46
C SER A 104 -2.03 5.42 -10.65
N ASP A 105 -1.53 5.02 -11.82
CA ASP A 105 -2.33 5.06 -13.03
C ASP A 105 -3.36 3.93 -12.96
N ASN A 106 -4.64 4.30 -12.96
CA ASN A 106 -5.71 3.30 -12.81
C ASN A 106 -5.90 2.44 -14.06
N THR A 107 -5.66 3.03 -15.24
CA THR A 107 -5.72 2.23 -16.45
C THR A 107 -4.63 1.16 -16.43
N ALA A 108 -3.44 1.54 -15.98
CA ALA A 108 -2.35 0.57 -15.88
C ALA A 108 -2.72 -0.59 -14.95
N MET A 109 -3.30 -0.27 -13.78
CA MET A 109 -3.79 -1.33 -12.89
C MET A 109 -4.75 -2.24 -13.63
N ASN A 110 -5.71 -1.67 -14.36
CA ASN A 110 -6.68 -2.51 -15.05
C ASN A 110 -6.03 -3.41 -16.10
N LYS A 111 -5.00 -2.93 -16.77
CA LYS A 111 -4.31 -3.78 -17.74
C LYS A 111 -3.60 -4.93 -17.05
N LEU A 112 -3.04 -4.68 -15.86
CA LEU A 112 -2.41 -5.76 -15.12
C LEU A 112 -3.44 -6.81 -14.71
N ILE A 113 -4.57 -6.35 -14.17
CA ILE A 113 -5.62 -7.26 -13.75
C ILE A 113 -6.13 -8.08 -14.93
N ALA A 114 -6.36 -7.41 -16.06
CA ALA A 114 -6.88 -8.11 -17.24
C ALA A 114 -5.88 -9.15 -17.73
N HIS A 115 -4.60 -8.80 -17.72
CA HIS A 115 -3.59 -9.73 -18.12
C HIS A 115 -3.62 -10.98 -17.23
N LEU A 116 -3.75 -10.79 -15.92
CA LEU A 116 -3.77 -11.89 -14.96
C LEU A 116 -5.02 -12.75 -15.07
N GLY A 117 -6.12 -12.17 -15.56
CA GLY A 117 -7.38 -12.90 -15.71
C GLY A 117 -8.46 -12.50 -14.73
N GLY A 118 -8.33 -11.35 -14.06
CA GLY A 118 -9.37 -10.81 -13.21
C GLY A 118 -8.95 -10.62 -11.77
N PRO A 119 -9.75 -9.85 -11.02
CA PRO A 119 -9.37 -9.56 -9.63
C PRO A 119 -9.12 -10.82 -8.80
N ASP A 120 -9.90 -11.87 -9.02
CA ASP A 120 -9.73 -13.09 -8.22
C ASP A 120 -8.34 -13.73 -8.41
N LYS A 121 -7.67 -13.45 -9.53
CA LYS A 121 -6.33 -13.98 -9.76
C LYS A 121 -5.32 -13.24 -8.89
N VAL A 122 -5.60 -11.98 -8.59
CA VAL A 122 -4.76 -11.22 -7.66
C VAL A 122 -4.93 -11.79 -6.25
N THR A 123 -6.17 -12.09 -5.86
CA THR A 123 -6.41 -12.76 -4.60
C THR A 123 -5.65 -14.08 -4.51
N ALA A 124 -5.71 -14.88 -5.57
CA ALA A 124 -5.01 -16.18 -5.56
C ALA A 124 -3.51 -15.98 -5.38
N PHE A 125 -2.95 -14.94 -6.01
CA PHE A 125 -1.53 -14.67 -5.83
C PHE A 125 -1.22 -14.32 -4.37
N ALA A 126 -2.04 -13.45 -3.76
CA ALA A 126 -1.82 -13.14 -2.35
C ALA A 126 -1.86 -14.40 -1.49
N ARG A 127 -2.84 -15.27 -1.74
CA ARG A 127 -2.96 -16.50 -1.00
C ARG A 127 -1.72 -17.38 -1.20
N SER A 128 -1.13 -17.38 -2.39
CA SER A 128 0.08 -18.16 -2.65
C SER A 128 1.25 -17.70 -1.80
N LEU A 129 1.19 -16.48 -1.27
CA LEU A 129 2.21 -15.93 -0.40
C LEU A 129 1.86 -16.13 1.06
N GLY A 130 0.79 -16.87 1.32
CA GLY A 130 0.34 -17.13 2.69
C GLY A 130 -0.51 -16.03 3.31
N ASP A 131 -1.02 -15.12 2.48
CA ASP A 131 -1.86 -14.04 2.95
C ASP A 131 -3.30 -14.46 2.81
N GLU A 132 -3.90 -14.80 3.94
CA GLU A 132 -5.29 -15.31 3.95
C GLU A 132 -6.32 -14.18 4.06
N THR A 133 -5.83 -12.95 4.12
CA THR A 133 -6.65 -11.82 4.46
C THR A 133 -7.01 -10.97 3.22
N PHE A 134 -6.01 -10.65 2.42
CA PHE A 134 -6.18 -9.86 1.21
C PHE A 134 -7.32 -10.37 0.35
N ARG A 135 -8.13 -9.48 -0.21
CA ARG A 135 -9.03 -9.87 -1.30
C ARG A 135 -9.16 -8.71 -2.26
N LEU A 136 -9.07 -9.02 -3.56
CA LEU A 136 -9.38 -8.07 -4.61
C LEU A 136 -10.63 -8.58 -5.30
N ASP A 137 -11.61 -7.69 -5.44
CA ASP A 137 -12.93 -8.01 -5.96
C ASP A 137 -13.28 -7.26 -7.22
N ARG A 138 -12.73 -6.06 -7.40
CA ARG A 138 -13.13 -5.18 -8.49
C ARG A 138 -11.91 -4.62 -9.19
N THR A 139 -12.17 -4.07 -10.36
CA THR A 139 -11.19 -3.29 -11.10
C THR A 139 -11.21 -1.82 -10.63
N ALA A 140 -10.33 -1.00 -11.20
CA ALA A 140 -10.37 0.44 -10.96
C ALA A 140 -11.39 1.08 -11.92
N PRO A 141 -12.10 2.13 -11.49
CA PRO A 141 -11.97 2.84 -10.23
C PRO A 141 -12.78 2.29 -9.06
N THR A 142 -13.67 1.33 -9.31
CA THR A 142 -14.64 0.97 -8.26
C THR A 142 -14.02 0.27 -7.07
N LEU A 143 -12.80 -0.28 -7.20
CA LEU A 143 -12.16 -0.89 -6.04
C LEU A 143 -11.86 0.13 -4.93
N ASN A 144 -12.01 1.44 -5.20
CA ASN A 144 -11.73 2.50 -4.23
C ASN A 144 -12.98 3.10 -3.57
N THR A 145 -14.15 2.46 -3.68
CA THR A 145 -15.35 3.03 -3.06
C THR A 145 -15.24 3.13 -1.53
N ALA A 146 -14.51 2.19 -0.93
CA ALA A 146 -14.13 2.25 0.49
C ALA A 146 -15.30 2.43 1.46
N ILE A 147 -16.40 1.74 1.18
CA ILE A 147 -17.60 1.89 1.99
C ILE A 147 -17.40 1.20 3.34
N PRO A 148 -17.72 1.88 4.46
CA PRO A 148 -17.49 1.25 5.76
C PRO A 148 -18.19 -0.09 5.87
N GLY A 149 -17.45 -1.09 6.34
CA GLY A 149 -17.99 -2.43 6.52
C GLY A 149 -18.07 -3.28 5.27
N ASP A 150 -17.77 -2.71 4.10
CA ASP A 150 -17.77 -3.49 2.86
C ASP A 150 -16.49 -4.32 2.84
N PRO A 151 -16.60 -5.65 2.68
CA PRO A 151 -15.38 -6.47 2.69
C PRO A 151 -14.64 -6.44 1.35
N ARG A 152 -15.27 -5.94 0.30
CA ARG A 152 -14.60 -6.01 -1.00
C ARG A 152 -13.32 -5.19 -1.02
N ASP A 153 -12.26 -5.73 -1.62
CA ASP A 153 -11.04 -4.95 -1.83
C ASP A 153 -10.44 -4.47 -0.51
N THR A 154 -10.44 -5.35 0.49
CA THR A 154 -9.91 -5.05 1.80
C THR A 154 -8.77 -5.97 2.21
N THR A 155 -8.02 -5.50 3.20
CA THR A 155 -7.11 -6.35 3.95
C THR A 155 -6.95 -5.75 5.34
N THR A 156 -6.08 -6.31 6.17
CA THR A 156 -5.77 -5.72 7.46
C THR A 156 -4.36 -5.11 7.43
N PRO A 157 -4.09 -4.14 8.32
CA PRO A 157 -2.73 -3.58 8.34
C PRO A 157 -1.66 -4.63 8.58
N LEU A 158 -1.87 -5.56 9.52
CA LEU A 158 -0.87 -6.59 9.77
C LEU A 158 -0.68 -7.52 8.58
N ALA A 159 -1.78 -7.98 7.97
CA ALA A 159 -1.61 -8.86 6.82
C ALA A 159 -0.82 -8.17 5.73
N MET A 160 -1.14 -6.89 5.47
CA MET A 160 -0.45 -6.17 4.41
CA MET A 160 -0.45 -6.20 4.40
C MET A 160 1.02 -5.90 4.75
N ALA A 161 1.30 -5.63 6.01
CA ALA A 161 2.70 -5.41 6.42
C ALA A 161 3.50 -6.69 6.24
N GLN A 162 2.91 -7.81 6.68
CA GLN A 162 3.59 -9.11 6.53
C GLN A 162 3.84 -9.41 5.06
N THR A 163 2.83 -9.22 4.22
CA THR A 163 2.99 -9.52 2.81
C THR A 163 3.94 -8.54 2.12
N LEU A 164 3.86 -7.26 2.48
CA LEU A 164 4.79 -6.32 1.88
C LEU A 164 6.24 -6.68 2.26
N LYS A 165 6.46 -7.09 3.51
CA LYS A 165 7.79 -7.54 3.93
C LYS A 165 8.22 -8.73 3.08
N ASN A 166 7.35 -9.72 2.93
CA ASN A 166 7.67 -10.87 2.12
C ASN A 166 8.00 -10.51 0.68
N LEU A 167 7.22 -9.60 0.12
CA LEU A 167 7.43 -9.17 -1.25
C LEU A 167 8.73 -8.44 -1.48
N THR A 168 9.09 -7.54 -0.56
CA THR A 168 10.18 -6.61 -0.81
C THR A 168 11.50 -7.03 -0.21
N LEU A 169 11.46 -7.78 0.88
CA LEU A 169 12.64 -8.16 1.66
C LEU A 169 12.73 -9.63 1.88
N GLY A 170 11.71 -10.36 1.52
CA GLY A 170 11.58 -11.76 1.91
C GLY A 170 11.35 -12.70 0.76
N LYS A 171 10.62 -13.76 1.09
CA LYS A 171 10.67 -14.94 0.23
CA LYS A 171 10.54 -15.01 0.33
C LYS A 171 9.68 -15.00 -0.95
N ALA A 172 8.89 -13.97 -1.18
CA ALA A 172 7.83 -14.05 -2.19
C ALA A 172 8.27 -14.18 -3.63
N LEU A 173 9.27 -13.39 -4.01
CA LEU A 173 9.68 -13.25 -5.41
C LEU A 173 11.12 -13.70 -5.54
N ALA A 174 11.48 -14.17 -6.74
CA ALA A 174 12.89 -14.40 -7.07
C ALA A 174 13.65 -13.07 -7.03
N GLU A 175 14.98 -13.13 -6.94
CA GLU A 175 15.75 -11.93 -6.67
C GLU A 175 15.55 -10.82 -7.70
N THR A 176 15.62 -11.13 -8.99
CA THR A 176 15.53 -10.07 -9.95
C THR A 176 14.17 -9.37 -9.85
N GLN A 177 13.14 -10.17 -9.63
CA GLN A 177 11.80 -9.60 -9.54
CA GLN A 177 11.77 -9.68 -9.49
C GLN A 177 11.58 -8.83 -8.24
N ARG A 178 12.11 -9.33 -7.12
CA ARG A 178 12.08 -8.59 -5.87
C ARG A 178 12.74 -7.23 -6.06
N ALA A 179 13.92 -7.22 -6.68
CA ALA A 179 14.66 -5.99 -6.87
C ALA A 179 13.86 -5.03 -7.75
N GLN A 180 13.18 -5.55 -8.76
CA GLN A 180 12.37 -4.71 -9.63
C GLN A 180 11.23 -4.08 -8.85
N LEU A 181 10.54 -4.86 -8.01
CA LEU A 181 9.47 -4.31 -7.20
C LEU A 181 10.00 -3.18 -6.31
N VAL A 182 11.13 -3.43 -5.66
CA VAL A 182 11.72 -2.42 -4.79
C VAL A 182 12.10 -1.16 -5.56
N THR A 183 12.70 -1.31 -6.74
CA THR A 183 13.01 -0.16 -7.56
C THR A 183 11.74 0.64 -7.85
N TRP A 184 10.67 -0.04 -8.24
CA TRP A 184 9.43 0.66 -8.52
C TRP A 184 8.93 1.43 -7.31
N LEU A 185 8.87 0.79 -6.15
CA LEU A 185 8.35 1.43 -4.95
C LEU A 185 9.21 2.62 -4.54
N LYS A 186 10.54 2.49 -4.62
CA LYS A 186 11.43 3.59 -4.27
C LYS A 186 11.21 4.81 -5.16
N GLY A 187 10.84 4.58 -6.43
CA GLY A 187 10.61 5.66 -7.39
C GLY A 187 9.20 6.19 -7.39
N ASN A 188 8.37 5.80 -6.41
CA ASN A 188 7.02 6.34 -6.34
C ASN A 188 7.02 7.86 -6.30
N THR A 189 6.09 8.48 -7.02
CA THR A 189 5.98 9.95 -7.05
C THR A 189 4.83 10.47 -6.19
N THR A 190 3.95 9.60 -5.70
CA THR A 190 2.70 10.05 -5.10
C THR A 190 2.70 10.16 -3.58
N GLY A 191 3.82 9.85 -2.94
CA GLY A 191 3.81 9.65 -1.48
C GLY A 191 4.49 10.71 -0.65
N SER A 192 4.83 11.87 -1.23
CA SER A 192 5.60 12.91 -0.52
CA SER A 192 5.65 12.81 -0.48
C SER A 192 5.00 13.29 0.82
N ALA A 193 3.68 13.47 0.84
CA ALA A 193 3.00 14.02 1.99
C ALA A 193 2.51 12.96 2.97
N SER A 194 2.76 11.69 2.69
CA SER A 194 2.22 10.61 3.51
C SER A 194 3.31 10.08 4.45
N ILE A 195 3.56 8.76 4.48
CA ILE A 195 4.56 8.23 5.41
C ILE A 195 5.90 8.98 5.32
N ARG A 196 6.36 9.27 4.10
CA ARG A 196 7.63 9.94 3.90
C ARG A 196 7.74 11.23 4.69
N ALA A 197 6.65 11.98 4.80
CA ALA A 197 6.67 13.28 5.47
C ALA A 197 6.87 13.16 6.97
N GLY A 198 6.66 11.97 7.52
CA GLY A 198 6.87 11.75 8.96
C GLY A 198 8.24 11.21 9.31
N LEU A 199 9.12 11.07 8.32
CA LEU A 199 10.42 10.43 8.48
C LEU A 199 11.53 11.41 8.14
N PRO A 200 12.75 11.13 8.62
CA PRO A 200 13.91 11.88 8.16
C PRO A 200 13.97 11.94 6.64
N LYS A 201 14.27 13.12 6.10
CA LYS A 201 14.24 13.35 4.66
C LYS A 201 15.21 12.47 3.86
N SER A 202 16.29 12.03 4.50
CA SER A 202 17.34 11.31 3.82
C SER A 202 17.18 9.79 3.99
N TRP A 203 16.15 9.32 4.70
CA TRP A 203 15.90 7.88 4.73
C TRP A 203 15.36 7.46 3.39
N VAL A 204 15.85 6.33 2.89
CA VAL A 204 15.33 5.77 1.67
C VAL A 204 14.02 5.05 1.96
N VAL A 205 13.03 5.30 1.12
CA VAL A 205 11.68 4.77 1.30
C VAL A 205 11.15 4.30 -0.03
N GLY A 206 10.47 3.14 -0.01
CA GLY A 206 9.62 2.74 -1.13
C GLY A 206 8.20 2.67 -0.62
N ASP A 207 7.23 3.18 -1.38
CA ASP A 207 5.85 3.14 -0.85
C ASP A 207 4.85 3.11 -1.98
N LYS A 208 3.62 2.76 -1.61
CA LYS A 208 2.47 2.87 -2.50
C LYS A 208 1.32 3.47 -1.70
N THR A 209 0.75 4.55 -2.21
CA THR A 209 -0.37 5.22 -1.57
C THR A 209 -1.72 4.68 -2.11
N GLY A 210 -2.79 5.08 -1.44
CA GLY A 210 -4.13 4.91 -1.98
C GLY A 210 -5.05 5.93 -1.39
N SER A 211 -6.09 6.26 -2.14
CA SER A 211 -7.08 7.20 -1.67
C SER A 211 -8.42 6.84 -2.27
N GLY A 212 -9.47 7.01 -1.51
CA GLY A 212 -10.79 6.66 -1.97
C GLY A 212 -11.84 7.48 -1.29
N ASP A 213 -13.10 7.08 -1.48
CA ASP A 213 -14.21 7.71 -0.76
C ASP A 213 -14.09 7.42 0.73
N TYR A 214 -14.97 8.04 1.51
CA TYR A 214 -14.89 7.99 2.98
C TYR A 214 -13.55 8.52 3.46
N GLY A 215 -12.99 9.46 2.68
CA GLY A 215 -11.72 10.07 3.07
C GLY A 215 -10.64 9.02 3.34
N THR A 216 -10.72 7.91 2.62
CA THR A 216 -9.81 6.79 2.88
C THR A 216 -8.46 7.14 2.32
N THR A 217 -7.45 7.08 3.20
CA THR A 217 -6.14 7.61 2.91
C THR A 217 -5.13 6.62 3.44
N ASN A 218 -4.38 6.01 2.53
CA ASN A 218 -3.56 4.86 2.85
C ASN A 218 -2.14 5.00 2.32
N ASP A 219 -1.20 4.32 2.96
CA ASP A 219 0.17 4.24 2.42
C ASP A 219 0.79 3.00 3.02
N ILE A 220 1.54 2.25 2.20
CA ILE A 220 2.28 1.10 2.64
C ILE A 220 3.71 1.30 2.20
N ALA A 221 4.67 1.05 3.10
CA ALA A 221 6.04 1.46 2.86
C ALA A 221 7.05 0.47 3.40
N VAL A 222 8.18 0.43 2.72
CA VAL A 222 9.40 -0.16 3.26
CA VAL A 222 9.40 -0.19 3.22
C VAL A 222 10.39 0.97 3.43
N ILE A 223 11.03 0.98 4.59
CA ILE A 223 11.85 2.09 5.03
C ILE A 223 13.23 1.56 5.37
N TRP A 224 14.26 2.19 4.82
CA TRP A 224 15.65 1.80 5.08
C TRP A 224 16.35 2.92 5.84
N PRO A 225 16.40 2.83 7.17
CA PRO A 225 17.23 3.78 7.94
C PRO A 225 18.71 3.69 7.59
N GLU A 226 19.46 4.75 7.91
CA GLU A 226 20.88 4.81 7.59
C GLU A 226 21.76 3.85 8.38
N ASN A 227 21.35 3.53 9.61
CA ASN A 227 22.12 2.74 10.57
C ASN A 227 21.30 1.63 11.24
N HIS A 228 20.20 1.21 10.62
CA HIS A 228 19.32 0.22 11.24
C HIS A 228 18.73 -0.66 10.15
N ALA A 229 18.26 -1.82 10.58
CA ALA A 229 17.56 -2.73 9.70
C ALA A 229 16.24 -2.09 9.21
N PRO A 230 15.73 -2.55 8.06
CA PRO A 230 14.50 -1.97 7.52
C PRO A 230 13.29 -2.11 8.43
N LEU A 231 12.37 -1.16 8.23
CA LEU A 231 11.05 -1.18 8.84
C LEU A 231 10.04 -1.33 7.73
N VAL A 232 8.98 -2.06 8.00
CA VAL A 232 7.85 -2.15 7.07
C VAL A 232 6.67 -1.54 7.77
N LEU A 233 6.01 -0.59 7.11
CA LEU A 233 4.96 0.18 7.78
C LEU A 233 3.72 0.31 6.90
N VAL A 234 2.58 -0.07 7.45
CA VAL A 234 1.28 0.16 6.83
C VAL A 234 0.52 1.15 7.70
N THR A 235 0.04 2.22 7.07
CA THR A 235 -0.84 3.19 7.72
C THR A 235 -2.09 3.34 6.88
N TYR A 236 -3.23 2.88 7.42
CA TYR A 236 -4.53 2.98 6.76
C TYR A 236 -5.40 3.90 7.58
N PHE A 237 -6.23 4.70 6.91
CA PHE A 237 -7.08 5.64 7.62
C PHE A 237 -8.37 5.82 6.86
N THR A 238 -9.50 5.81 7.57
CA THR A 238 -10.77 5.98 6.90
C THR A 238 -11.76 6.69 7.82
N GLN A 239 -12.77 7.30 7.22
CA GLN A 239 -13.62 8.24 7.93
C GLN A 239 -15.09 7.87 7.73
N PRO A 240 -15.97 8.38 8.60
CA PRO A 240 -17.35 7.93 8.55
C PRO A 240 -18.19 8.50 7.43
N GLU A 241 -17.81 9.65 6.87
CA GLU A 241 -18.64 10.34 5.89
C GLU A 241 -18.07 10.18 4.47
N GLN A 242 -18.96 9.90 3.52
CA GLN A 242 -18.56 9.52 2.17
C GLN A 242 -17.65 10.52 1.49
N LYS A 243 -17.93 11.81 1.70
CA LYS A 243 -17.21 12.85 0.98
C LYS A 243 -16.17 13.53 1.88
N ALA A 244 -15.70 12.83 2.91
CA ALA A 244 -14.63 13.36 3.76
C ALA A 244 -13.38 13.67 2.95
N GLU A 245 -12.67 14.71 3.33
CA GLU A 245 -11.38 14.96 2.70
C GLU A 245 -10.37 13.88 3.06
N ASN A 246 -9.47 13.62 2.13
CA ASN A 246 -8.39 12.70 2.42
C ASN A 246 -7.42 13.41 3.40
N ARG A 247 -6.67 12.60 4.15
CA ARG A 247 -5.89 13.09 5.30
C ARG A 247 -4.48 12.48 5.33
N ASN A 248 -3.66 12.85 4.36
CA ASN A 248 -2.32 12.31 4.33
C ASN A 248 -1.50 12.72 5.53
N ASP A 249 -1.85 13.86 6.13
CA ASP A 249 -1.18 14.35 7.32
C ASP A 249 -1.29 13.39 8.49
N ILE A 250 -2.41 12.66 8.58
CA ILE A 250 -2.56 11.67 9.63
C ILE A 250 -1.56 10.53 9.45
N LEU A 251 -1.33 10.13 8.19
CA LEU A 251 -0.36 9.09 7.91
C LEU A 251 1.05 9.52 8.27
N ALA A 252 1.41 10.75 7.91
CA ALA A 252 2.69 11.30 8.28
C ALA A 252 2.85 11.33 9.79
N ALA A 253 1.81 11.77 10.50
CA ALA A 253 1.84 11.83 11.96
C ALA A 253 2.02 10.45 12.60
N ALA A 254 1.31 9.45 12.06
CA ALA A 254 1.43 8.10 12.58
C ALA A 254 2.85 7.57 12.34
N ALA A 255 3.40 7.82 11.16
CA ALA A 255 4.76 7.40 10.83
C ALA A 255 5.76 8.01 11.80
N LYS A 256 5.61 9.31 12.09
CA LYS A 256 6.51 9.98 13.04
C LYS A 256 6.42 9.34 14.42
N ILE A 257 5.21 9.05 14.89
CA ILE A 257 5.04 8.39 16.19
C ILE A 257 5.74 7.04 16.28
N VAL A 258 5.55 6.18 15.28
CA VAL A 258 6.03 4.81 15.41
C VAL A 258 7.50 4.63 15.06
N THR A 259 8.09 5.61 14.38
CA THR A 259 9.51 5.47 14.00
C THR A 259 10.43 6.27 14.92
N HIS A 260 9.85 6.89 15.94
CA HIS A 260 10.62 7.63 16.93
C HIS A 260 11.69 6.72 17.55
N GLY A 261 12.91 7.24 17.64
CA GLY A 261 14.01 6.47 18.24
C GLY A 261 14.80 5.66 17.23
N PHE A 262 14.13 5.15 16.19
CA PHE A 262 14.81 4.40 15.13
C PHE A 262 15.74 5.30 14.33
#